data_3H11
#
_entry.id   3H11
#
_cell.length_a   52.990
_cell.length_b   76.680
_cell.length_c   114.190
_cell.angle_alpha   90.00
_cell.angle_beta   90.00
_cell.angle_gamma   90.00
#
_symmetry.space_group_name_H-M   'P 21 21 21'
#
loop_
_entity.id
_entity.type
_entity.pdbx_description
1 polymer 'CASP8 and FADD-like apoptosis regulator'
2 polymer Caspase-8
3 polymer 'IETD aldehyde inhibitor'
4 water water
#
loop_
_entity_poly.entity_id
_entity_poly.type
_entity_poly.pdbx_seq_one_letter_code
_entity_poly.pdbx_strand_id
1 'polypeptide(L)'
;KEQRLKEQLGAQQEPVKKSIQESEAFLPQSIPEERYKMKSKPLGICLIIDCIGNETELLRDTFTSLGYEVQKFLHLSMHG
ISQILGQFACMPEHRDYDSFVCVLVSRGGSQSVYGVDQTHSGLPLHHIRRMFMGDSCPYLAGKPKMFFIQNYVVSEGQLE
NSSLLEVDGPAMKNVEFKAQKRGLCTVHREADFFWSLCTADMSLLEQSHSSPSLYLQCLSQKLRQERKRPLLDLHIELNG
YMYDWNSRVSAKEKYYVWLQHTLRKKLILSYT
;
A
2 'polypeptide(L)'
;SESQTLDKVYQMKSKPRGYCLIINNHNFAKAREKVPKLHSIRDRNGTHLDAGALTTTFEELHFEIKPHDDCTVEQIYEIL
KIYQLMDHSNMDCFICCILSHGDKGIIYGTDGQEAPIYELTSQFTGLKCPSLAGKPKVFFIQACQGDNYQKGIPVETASE
EQPYLEMALSSPQTRYIPDEADFLLGMATVNNCVSYRNPAEGTWYIQSLCQSLRERCPRGDDILTILTEVNYEVSNKDDK
KNMGKQMPQPTFTLRKKLVFPSDVEHHHHHH
;
B
3 'polypeptide(L)' AIET(ASA) C
#
# COMPACT_ATOMS: atom_id res chain seq x y z
N GLN A 29 -18.89 8.02 17.03
CA GLN A 29 -18.82 6.87 16.09
C GLN A 29 -17.54 6.92 15.28
N SER A 30 -16.59 6.06 15.64
CA SER A 30 -15.31 6.05 14.96
C SER A 30 -15.17 5.04 13.81
N ILE A 31 -14.05 5.18 13.11
CA ILE A 31 -13.69 4.30 12.00
C ILE A 31 -12.33 3.71 12.35
N PRO A 32 -12.04 2.51 11.83
CA PRO A 32 -12.93 1.74 10.95
C PRO A 32 -14.11 1.25 11.80
N GLU A 33 -15.23 0.91 11.16
CA GLU A 33 -16.43 0.45 11.87
C GLU A 33 -16.26 -0.83 12.68
N GLU A 34 -15.42 -1.73 12.19
CA GLU A 34 -15.18 -3.01 12.84
C GLU A 34 -13.74 -3.17 13.31
N ARG A 35 -13.52 -4.16 14.16
CA ARG A 35 -12.20 -4.46 14.67
C ARG A 35 -11.95 -5.97 14.52
N TYR A 36 -10.78 -6.35 14.01
CA TYR A 36 -10.47 -7.78 13.87
C TYR A 36 -10.48 -8.39 15.26
N LYS A 37 -11.19 -9.50 15.40
CA LYS A 37 -11.26 -10.18 16.68
C LYS A 37 -9.87 -10.68 17.05
N MET A 38 -9.48 -10.45 18.30
CA MET A 38 -8.17 -10.91 18.74
C MET A 38 -8.32 -11.50 20.14
N LYS A 39 -8.82 -12.72 20.16
CA LYS A 39 -9.07 -13.41 21.42
C LYS A 39 -8.37 -14.74 21.63
N SER A 40 -8.19 -15.51 20.56
CA SER A 40 -7.56 -16.81 20.68
C SER A 40 -6.21 -16.85 21.40
N LYS A 41 -5.94 -18.01 21.98
CA LYS A 41 -4.71 -18.26 22.71
C LYS A 41 -4.13 -19.53 22.07
N PRO A 42 -3.01 -19.39 21.35
CA PRO A 42 -2.30 -18.12 21.15
C PRO A 42 -3.06 -17.25 20.15
N LEU A 43 -2.64 -16.00 19.98
CA LEU A 43 -3.31 -15.12 19.02
C LEU A 43 -3.11 -15.68 17.62
N GLY A 44 -2.06 -16.49 17.46
CA GLY A 44 -1.76 -17.10 16.18
C GLY A 44 -0.32 -17.56 16.14
N ILE A 45 0.11 -18.07 15.00
CA ILE A 45 1.48 -18.50 14.88
C ILE A 45 2.30 -17.31 14.35
N CYS A 46 3.51 -17.14 14.86
CA CYS A 46 4.41 -16.10 14.38
C CYS A 46 5.54 -16.89 13.73
N LEU A 47 5.51 -16.97 12.40
CA LEU A 47 6.50 -17.71 11.64
C LEU A 47 7.71 -16.85 11.29
N ILE A 48 8.83 -17.13 11.94
CA ILE A 48 10.06 -16.39 11.67
C ILE A 48 10.97 -17.19 10.75
N ILE A 49 11.37 -16.57 9.65
CA ILE A 49 12.31 -17.19 8.69
C ILE A 49 13.44 -16.22 8.54
N ASP A 50 14.59 -16.54 9.14
CA ASP A 50 15.76 -15.68 9.10
C ASP A 50 16.86 -16.42 8.33
N CYS A 51 16.98 -16.11 7.05
CA CYS A 51 17.99 -16.77 6.22
C CYS A 51 19.41 -16.28 6.48
N ILE A 52 19.53 -15.13 7.12
CA ILE A 52 20.83 -14.54 7.40
C ILE A 52 21.37 -14.94 8.78
N GLY A 53 20.51 -14.95 9.78
CA GLY A 53 20.92 -15.35 11.12
C GLY A 53 21.51 -14.28 12.04
N ASN A 54 21.44 -13.01 11.64
CA ASN A 54 21.99 -11.97 12.50
C ASN A 54 21.00 -11.42 13.53
N GLU A 55 19.71 -11.68 13.37
CA GLU A 55 18.75 -11.11 14.31
C GLU A 55 18.89 -11.73 15.70
N THR A 56 18.57 -10.95 16.72
CA THR A 56 18.65 -11.40 18.09
C THR A 56 17.31 -12.02 18.50
N GLU A 57 17.23 -12.47 19.74
CA GLU A 57 15.99 -13.06 20.23
C GLU A 57 14.93 -11.96 20.44
N LEU A 58 15.33 -10.69 20.32
CA LEU A 58 14.40 -9.56 20.57
C LEU A 58 13.01 -9.68 19.93
N LEU A 59 12.94 -9.82 18.61
CA LEU A 59 11.66 -9.93 17.95
C LEU A 59 10.85 -11.17 18.42
N ARG A 60 11.50 -12.32 18.55
CA ARG A 60 10.81 -13.54 19.03
C ARG A 60 10.28 -13.33 20.46
N ASP A 61 11.06 -12.69 21.32
CA ASP A 61 10.61 -12.44 22.68
C ASP A 61 9.38 -11.56 22.67
N THR A 62 9.43 -10.50 21.86
CA THR A 62 8.32 -9.58 21.77
C THR A 62 7.06 -10.26 21.26
N PHE A 63 7.14 -11.03 20.18
CA PHE A 63 5.91 -11.67 19.75
C PHE A 63 5.39 -12.74 20.71
N THR A 64 6.27 -13.37 21.48
CA THR A 64 5.79 -14.35 22.45
C THR A 64 5.06 -13.55 23.54
N SER A 65 5.65 -12.44 23.97
CA SER A 65 5.01 -11.60 24.97
C SER A 65 3.63 -11.16 24.49
N LEU A 66 3.48 -10.89 23.19
CA LEU A 66 2.19 -10.46 22.65
C LEU A 66 1.16 -11.58 22.70
N GLY A 67 1.64 -12.82 22.75
CA GLY A 67 0.72 -13.96 22.81
C GLY A 67 0.76 -14.87 21.58
N TYR A 68 1.82 -14.75 20.80
CA TYR A 68 1.97 -15.56 19.61
C TYR A 68 2.81 -16.79 19.88
N GLU A 69 2.59 -17.83 19.09
CA GLU A 69 3.38 -19.05 19.21
C GLU A 69 4.45 -18.89 18.12
N VAL A 70 5.68 -18.65 18.52
CA VAL A 70 6.78 -18.46 17.59
C VAL A 70 7.45 -19.75 17.11
N GLN A 71 7.64 -19.84 15.80
CA GLN A 71 8.33 -20.98 15.19
C GLN A 71 9.40 -20.38 14.27
N LYS A 72 10.66 -20.72 14.53
CA LYS A 72 11.81 -20.17 13.80
C LYS A 72 12.57 -21.18 12.91
N PHE A 73 12.90 -20.74 11.70
CA PHE A 73 13.65 -21.55 10.72
C PHE A 73 14.79 -20.68 10.21
N LEU A 74 16.04 -21.13 10.34
CA LEU A 74 17.19 -20.35 9.90
C LEU A 74 17.80 -20.87 8.61
N HIS A 75 18.52 -19.97 7.93
CA HIS A 75 19.19 -20.25 6.66
C HIS A 75 18.50 -21.20 5.68
N LEU A 76 17.26 -20.87 5.28
CA LEU A 76 16.52 -21.69 4.31
C LEU A 76 16.84 -21.27 2.87
N SER A 77 16.76 -22.21 1.94
CA SER A 77 16.99 -21.92 0.54
C SER A 77 15.62 -21.44 0.03
N MET A 78 15.58 -20.92 -1.18
CA MET A 78 14.29 -20.49 -1.72
C MET A 78 13.33 -21.67 -1.64
N HIS A 79 13.80 -22.85 -2.02
CA HIS A 79 12.98 -24.04 -1.98
C HIS A 79 12.49 -24.27 -0.56
N GLY A 80 13.40 -24.11 0.40
CA GLY A 80 13.06 -24.28 1.80
C GLY A 80 11.97 -23.30 2.22
N ILE A 81 12.09 -22.06 1.76
CA ILE A 81 11.10 -21.06 2.09
C ILE A 81 9.73 -21.42 1.50
N SER A 82 9.69 -21.69 0.19
CA SER A 82 8.41 -22.05 -0.45
C SER A 82 7.76 -23.19 0.26
N GLN A 83 8.58 -24.17 0.63
CA GLN A 83 8.11 -25.35 1.31
C GLN A 83 7.65 -25.10 2.73
N ILE A 84 8.32 -24.22 3.46
CA ILE A 84 7.87 -23.99 4.82
C ILE A 84 6.61 -23.10 4.81
N LEU A 85 6.57 -22.12 3.92
CA LEU A 85 5.40 -21.23 3.83
C LEU A 85 4.19 -22.07 3.39
N GLY A 86 4.36 -22.82 2.31
CA GLY A 86 3.29 -23.65 1.79
C GLY A 86 2.72 -24.51 2.91
N GLN A 87 3.61 -25.16 3.65
CA GLN A 87 3.20 -26.00 4.76
C GLN A 87 2.40 -25.22 5.79
N PHE A 88 2.98 -24.14 6.30
CA PHE A 88 2.31 -23.32 7.32
C PHE A 88 0.96 -22.77 6.90
N ALA A 89 0.80 -22.50 5.60
CA ALA A 89 -0.45 -21.98 5.08
C ALA A 89 -1.61 -22.97 5.19
N CYS A 90 -1.28 -24.27 5.30
CA CYS A 90 -2.30 -25.31 5.40
C CYS A 90 -2.47 -25.92 6.78
N MET A 91 -1.83 -25.30 7.77
CA MET A 91 -1.90 -25.77 9.15
C MET A 91 -3.35 -25.71 9.67
N PRO A 92 -3.98 -26.88 9.88
CA PRO A 92 -5.36 -26.92 10.37
C PRO A 92 -5.57 -26.08 11.63
N GLU A 93 -4.49 -25.86 12.36
CA GLU A 93 -4.54 -25.10 13.60
C GLU A 93 -5.00 -23.65 13.41
N HIS A 94 -4.77 -23.09 12.24
CA HIS A 94 -5.18 -21.71 11.98
C HIS A 94 -6.65 -21.49 12.28
N ARG A 95 -7.43 -22.55 12.12
CA ARG A 95 -8.87 -22.50 12.37
C ARG A 95 -9.15 -22.02 13.80
N ASP A 96 -8.27 -22.34 14.73
CA ASP A 96 -8.48 -21.92 16.12
C ASP A 96 -7.83 -20.60 16.47
N TYR A 97 -7.01 -20.05 15.55
CA TYR A 97 -6.33 -18.79 15.80
C TYR A 97 -6.99 -17.60 15.12
N ASP A 98 -6.74 -16.40 15.66
CA ASP A 98 -7.35 -15.20 15.14
C ASP A 98 -6.51 -14.40 14.17
N SER A 99 -5.26 -14.79 13.99
CA SER A 99 -4.38 -14.06 13.10
C SER A 99 -3.13 -14.87 12.78
N PHE A 100 -2.32 -14.33 11.87
CA PHE A 100 -1.08 -14.98 11.46
C PHE A 100 -0.04 -13.92 11.13
N VAL A 101 1.18 -14.14 11.59
CA VAL A 101 2.30 -13.23 11.36
C VAL A 101 3.47 -14.01 10.82
N CYS A 102 4.18 -13.40 9.88
CA CYS A 102 5.37 -14.00 9.30
C CYS A 102 6.43 -12.90 9.23
N VAL A 103 7.63 -13.20 9.71
CA VAL A 103 8.74 -12.28 9.67
C VAL A 103 9.72 -13.03 8.77
N LEU A 104 10.22 -12.31 7.75
CA LEU A 104 11.12 -12.88 6.73
C LEU A 104 12.36 -12.02 6.60
N VAL A 105 13.54 -12.61 6.78
CA VAL A 105 14.78 -11.86 6.68
C VAL A 105 15.66 -12.58 5.65
N SER A 106 16.03 -11.88 4.60
CA SER A 106 16.82 -12.52 3.55
C SER A 106 17.38 -11.55 2.56
N ARG A 107 18.44 -11.99 1.87
CA ARG A 107 18.98 -11.17 0.78
C ARG A 107 17.89 -11.34 -0.30
N GLY A 108 17.74 -10.37 -1.19
CA GLY A 108 16.73 -10.53 -2.22
C GLY A 108 16.74 -9.45 -3.28
N GLY A 109 15.70 -9.43 -4.10
CA GLY A 109 15.58 -8.40 -5.14
C GLY A 109 14.47 -7.42 -4.79
N SER A 110 14.17 -6.52 -5.72
CA SER A 110 13.13 -5.51 -5.50
C SER A 110 11.84 -6.02 -4.89
N GLN A 111 11.36 -7.15 -5.38
CA GLN A 111 10.12 -7.70 -4.87
C GLN A 111 10.14 -9.21 -4.76
N SER A 112 11.27 -9.73 -4.28
CA SER A 112 11.44 -11.17 -4.12
C SER A 112 12.56 -11.44 -3.11
N VAL A 113 12.64 -12.68 -2.62
CA VAL A 113 13.67 -13.06 -1.68
C VAL A 113 14.43 -14.28 -2.23
N TYR A 114 15.75 -14.28 -2.04
CA TYR A 114 16.64 -15.35 -2.52
C TYR A 114 16.91 -16.46 -1.52
N GLY A 115 16.60 -16.22 -0.26
CA GLY A 115 16.94 -17.22 0.73
C GLY A 115 18.46 -17.22 0.72
N VAL A 116 19.06 -18.37 1.02
CA VAL A 116 20.50 -18.43 1.05
C VAL A 116 21.07 -18.75 -0.33
N ASP A 117 20.19 -19.10 -1.26
CA ASP A 117 20.60 -19.45 -2.64
C ASP A 117 21.32 -18.34 -3.37
N GLN A 118 22.26 -18.74 -4.21
CA GLN A 118 23.02 -17.80 -5.01
C GLN A 118 22.28 -17.75 -6.35
N THR A 119 21.35 -16.81 -6.45
CA THR A 119 20.55 -16.66 -7.65
C THR A 119 20.08 -15.22 -7.77
N HIS A 120 19.57 -14.85 -8.95
CA HIS A 120 19.08 -13.50 -9.20
C HIS A 120 17.58 -13.48 -9.46
N SER A 121 16.95 -14.63 -9.41
CA SER A 121 15.50 -14.72 -9.61
C SER A 121 14.93 -15.41 -8.38
N GLY A 122 14.53 -14.61 -7.41
CA GLY A 122 14.02 -15.17 -6.18
C GLY A 122 12.56 -15.52 -6.19
N LEU A 123 12.05 -15.81 -5.00
CA LEU A 123 10.67 -16.14 -4.80
C LEU A 123 9.94 -14.81 -4.70
N PRO A 124 9.17 -14.44 -5.74
CA PRO A 124 8.44 -13.18 -5.72
C PRO A 124 7.47 -13.09 -4.55
N LEU A 125 7.35 -11.90 -3.97
CA LEU A 125 6.47 -11.73 -2.84
C LEU A 125 5.00 -12.00 -3.19
N HIS A 126 4.57 -11.70 -4.42
CA HIS A 126 3.17 -11.98 -4.75
C HIS A 126 2.88 -13.50 -4.70
N HIS A 127 3.90 -14.34 -4.85
CA HIS A 127 3.61 -15.77 -4.76
C HIS A 127 3.33 -16.11 -3.30
N ILE A 128 4.04 -15.45 -2.40
CA ILE A 128 3.81 -15.69 -0.99
C ILE A 128 2.35 -15.32 -0.74
N ARG A 129 1.90 -14.21 -1.31
CA ARG A 129 0.51 -13.81 -1.12
C ARG A 129 -0.44 -14.91 -1.60
N ARG A 130 -0.21 -15.40 -2.82
CA ARG A 130 -1.05 -16.45 -3.40
C ARG A 130 -1.28 -17.65 -2.48
N MET A 131 -0.24 -18.02 -1.73
CA MET A 131 -0.30 -19.15 -0.81
C MET A 131 -1.20 -18.93 0.40
N PHE A 132 -1.41 -17.68 0.78
CA PHE A 132 -2.25 -17.39 1.93
C PHE A 132 -3.63 -16.80 1.59
N MET A 133 -3.90 -16.62 0.30
CA MET A 133 -5.19 -16.04 -0.11
C MET A 133 -6.40 -16.86 0.37
N GLY A 134 -7.52 -16.16 0.51
CA GLY A 134 -8.76 -16.77 0.98
C GLY A 134 -9.11 -18.14 0.45
N ASP A 135 -8.89 -18.37 -0.85
CA ASP A 135 -9.20 -19.67 -1.44
C ASP A 135 -8.15 -20.70 -1.02
N SER A 136 -6.89 -20.43 -1.32
CA SER A 136 -5.80 -21.33 -0.97
C SER A 136 -5.78 -21.66 0.52
N CYS A 137 -5.68 -20.61 1.34
CA CYS A 137 -5.64 -20.77 2.79
C CYS A 137 -6.98 -20.36 3.41
N PRO A 138 -7.93 -21.32 3.50
CA PRO A 138 -9.25 -21.05 4.06
C PRO A 138 -9.32 -20.87 5.58
N TYR A 139 -8.47 -21.57 6.31
CA TYR A 139 -8.48 -21.43 7.77
C TYR A 139 -8.07 -20.04 8.26
N LEU A 140 -7.58 -19.18 7.37
CA LEU A 140 -7.21 -17.82 7.76
C LEU A 140 -8.07 -16.76 7.06
N ALA A 141 -9.10 -17.23 6.35
CA ALA A 141 -10.00 -16.32 5.62
C ALA A 141 -10.62 -15.36 6.63
N GLY A 142 -10.63 -14.07 6.27
CA GLY A 142 -11.18 -13.05 7.14
C GLY A 142 -10.33 -12.74 8.36
N LYS A 143 -9.13 -13.31 8.42
CA LYS A 143 -8.25 -13.06 9.55
C LYS A 143 -7.03 -12.28 9.07
N PRO A 144 -6.52 -11.34 9.89
CA PRO A 144 -5.36 -10.54 9.50
C PRO A 144 -4.06 -11.35 9.31
N LYS A 145 -3.52 -11.28 8.10
CA LYS A 145 -2.28 -11.97 7.75
C LYS A 145 -1.18 -10.92 7.55
N MET A 146 -0.27 -10.84 8.51
CA MET A 146 0.82 -9.85 8.55
C MET A 146 2.22 -10.35 8.14
N PHE A 147 2.85 -9.64 7.20
CA PHE A 147 4.19 -9.98 6.72
C PHE A 147 5.18 -8.81 6.91
N PHE A 148 6.20 -9.04 7.74
CA PHE A 148 7.26 -8.07 8.04
C PHE A 148 8.51 -8.65 7.37
N ILE A 149 8.96 -7.96 6.33
CA ILE A 149 10.09 -8.44 5.56
C ILE A 149 11.26 -7.49 5.59
N GLN A 150 12.42 -8.00 6.00
CA GLN A 150 13.65 -7.22 5.99
C GLN A 150 14.41 -7.82 4.80
N ASN A 151 14.48 -7.06 3.72
CA ASN A 151 15.16 -7.50 2.51
C ASN A 151 16.49 -6.80 2.42
N TYR A 152 17.54 -7.52 2.01
CA TYR A 152 18.84 -6.89 1.85
C TYR A 152 19.15 -7.00 0.35
N VAL A 153 19.30 -5.85 -0.31
CA VAL A 153 19.52 -5.80 -1.77
C VAL A 153 20.86 -5.20 -2.18
N VAL A 154 21.19 -5.30 -3.46
CA VAL A 154 22.46 -4.77 -3.97
C VAL A 154 22.39 -3.29 -4.34
N VAL A 187 -15.87 -13.25 1.33
CA VAL A 187 -14.71 -12.37 1.42
C VAL A 187 -13.87 -12.47 0.16
N HIS A 188 -13.25 -11.36 -0.23
CA HIS A 188 -12.40 -11.34 -1.41
C HIS A 188 -11.19 -12.16 -1.00
N ARG A 189 -10.62 -12.91 -1.94
CA ARG A 189 -9.48 -13.74 -1.59
C ARG A 189 -8.20 -12.96 -1.26
N GLU A 190 -8.17 -11.66 -1.57
CA GLU A 190 -6.97 -10.89 -1.27
C GLU A 190 -7.13 -9.90 -0.12
N ALA A 191 -8.16 -10.11 0.70
CA ALA A 191 -8.44 -9.26 1.85
C ALA A 191 -7.69 -9.60 3.14
N ASP A 192 -7.60 -8.61 4.04
CA ASP A 192 -6.98 -8.77 5.34
C ASP A 192 -5.48 -9.07 5.39
N PHE A 193 -4.76 -8.67 4.35
CA PHE A 193 -3.31 -8.82 4.31
C PHE A 193 -2.64 -7.51 4.74
N PHE A 194 -1.47 -7.63 5.36
CA PHE A 194 -0.71 -6.44 5.74
C PHE A 194 0.75 -6.71 5.40
N TRP A 195 1.28 -5.97 4.43
CA TRP A 195 2.67 -6.14 4.02
C TRP A 195 3.57 -4.98 4.45
N SER A 196 4.69 -5.31 5.09
CA SER A 196 5.67 -4.33 5.51
C SER A 196 6.99 -4.77 4.89
N LEU A 197 7.46 -4.01 3.93
CA LEU A 197 8.71 -4.36 3.26
C LEU A 197 9.81 -3.33 3.48
N CYS A 198 10.85 -3.73 4.19
CA CYS A 198 11.97 -2.86 4.45
C CYS A 198 13.10 -3.33 3.56
N THR A 199 13.71 -2.40 2.83
CA THR A 199 14.82 -2.76 1.98
C THR A 199 16.05 -1.99 2.44
N ALA A 200 17.16 -2.69 2.63
CA ALA A 200 18.40 -2.05 3.04
C ALA A 200 19.48 -2.67 2.18
N ASP A 201 20.61 -1.98 2.08
CA ASP A 201 21.72 -2.48 1.27
C ASP A 201 22.45 -3.68 1.86
N MET A 202 22.79 -4.64 1.01
CA MET A 202 23.52 -5.83 1.43
C MET A 202 24.82 -5.48 2.14
N SER A 203 25.38 -4.31 1.85
CA SER A 203 26.63 -3.94 2.49
C SER A 203 26.50 -3.83 4.00
N LEU A 204 25.27 -3.68 4.50
CA LEU A 204 25.09 -3.63 5.94
C LEU A 204 25.46 -5.01 6.52
N LEU A 205 25.41 -6.04 5.67
CA LEU A 205 25.73 -7.39 6.11
C LEU A 205 27.24 -7.68 5.97
N GLU A 206 27.92 -6.90 5.13
CA GLU A 206 29.35 -7.07 4.87
C GLU A 206 30.26 -6.37 5.84
N GLN A 207 29.80 -6.18 7.07
CA GLN A 207 30.63 -5.51 8.06
C GLN A 207 31.23 -6.53 9.02
N SER A 208 32.39 -6.21 9.58
CA SER A 208 33.07 -7.10 10.52
C SER A 208 32.22 -7.33 11.76
N HIS A 209 31.45 -6.31 12.13
CA HIS A 209 30.56 -6.40 13.29
C HIS A 209 29.12 -6.08 12.82
N SER A 210 28.57 -6.98 12.01
CA SER A 210 27.22 -6.83 11.45
C SER A 210 26.19 -6.33 12.46
N SER A 211 25.33 -5.43 12.00
CA SER A 211 24.30 -4.87 12.87
C SER A 211 22.95 -5.52 12.58
N PRO A 212 22.22 -5.89 13.63
CA PRO A 212 20.90 -6.52 13.46
C PRO A 212 20.03 -5.43 12.81
N SER A 213 18.93 -5.84 12.21
CA SER A 213 18.05 -4.87 11.58
C SER A 213 17.45 -3.84 12.56
N LEU A 214 17.72 -2.56 12.30
CA LEU A 214 17.20 -1.44 13.10
C LEU A 214 15.68 -1.44 12.94
N TYR A 215 15.22 -1.81 11.74
CA TYR A 215 13.80 -1.89 11.43
C TYR A 215 13.09 -2.94 12.32
N LEU A 216 13.62 -4.16 12.33
CA LEU A 216 13.02 -5.22 13.16
C LEU A 216 13.13 -4.92 14.66
N GLN A 217 14.24 -4.31 15.08
CA GLN A 217 14.41 -3.99 16.49
C GLN A 217 13.45 -2.87 16.91
N CYS A 218 13.25 -1.89 16.02
CA CYS A 218 12.32 -0.80 16.32
C CYS A 218 10.89 -1.34 16.33
N LEU A 219 10.60 -2.26 15.42
CA LEU A 219 9.26 -2.84 15.35
C LEU A 219 9.00 -3.54 16.69
N SER A 220 9.96 -4.31 17.16
CA SER A 220 9.84 -5.03 18.43
C SER A 220 9.62 -4.10 19.63
N GLN A 221 10.40 -3.02 19.70
CA GLN A 221 10.27 -2.08 20.81
C GLN A 221 8.89 -1.44 20.81
N LYS A 222 8.40 -1.02 19.63
CA LYS A 222 7.08 -0.39 19.59
C LYS A 222 5.97 -1.34 20.02
N LEU A 223 6.01 -2.57 19.50
CA LEU A 223 5.02 -3.57 19.88
C LEU A 223 5.11 -3.94 21.35
N ARG A 224 6.33 -4.05 21.87
CA ARG A 224 6.55 -4.40 23.26
C ARG A 224 5.99 -3.33 24.20
N GLN A 225 6.19 -2.07 23.85
CA GLN A 225 5.75 -1.00 24.75
C GLN A 225 4.39 -0.41 24.48
N GLU A 226 3.88 -0.55 23.24
CA GLU A 226 2.59 0.04 22.90
C GLU A 226 1.69 -0.94 22.15
N ARG A 227 1.60 -2.18 22.63
CA ARG A 227 0.84 -3.22 21.98
C ARG A 227 -0.65 -2.98 21.79
N LYS A 228 -1.23 -2.04 22.56
CA LYS A 228 -2.65 -1.76 22.45
C LYS A 228 -3.04 -0.67 21.44
N ARG A 229 -2.05 -0.19 20.67
CA ARG A 229 -2.29 0.82 19.63
C ARG A 229 -2.45 0.11 18.27
N PRO A 230 -3.22 0.71 17.36
CA PRO A 230 -3.40 0.09 16.05
C PRO A 230 -2.02 -0.15 15.43
N LEU A 231 -1.86 -1.31 14.78
CA LEU A 231 -0.60 -1.65 14.14
C LEU A 231 -0.12 -0.58 13.14
N LEU A 232 -1.03 -0.04 12.34
CA LEU A 232 -0.62 0.95 11.33
C LEU A 232 -0.18 2.28 11.97
N ASP A 233 -0.82 2.66 13.08
CA ASP A 233 -0.43 3.87 13.80
C ASP A 233 1.01 3.68 14.27
N LEU A 234 1.29 2.51 14.85
CA LEU A 234 2.64 2.22 15.33
C LEU A 234 3.68 2.22 14.20
N HIS A 235 3.28 1.64 13.06
CA HIS A 235 4.18 1.52 11.92
C HIS A 235 4.51 2.84 11.24
N ILE A 236 3.58 3.78 11.23
CA ILE A 236 3.86 5.08 10.66
C ILE A 236 4.92 5.76 11.55
N GLU A 237 4.82 5.64 12.87
CA GLU A 237 5.85 6.24 13.74
C GLU A 237 7.19 5.50 13.54
N LEU A 238 7.15 4.18 13.36
CA LEU A 238 8.36 3.39 13.08
C LEU A 238 9.01 3.96 11.79
N ASN A 239 8.17 4.25 10.79
CA ASN A 239 8.68 4.81 9.52
C ASN A 239 9.34 6.17 9.78
N GLY A 240 8.72 6.96 10.66
CA GLY A 240 9.29 8.24 11.00
C GLY A 240 10.66 8.05 11.62
N TYR A 241 10.78 7.04 12.47
CA TYR A 241 12.07 6.79 13.11
C TYR A 241 13.13 6.34 12.09
N MET A 242 12.73 5.47 11.18
CA MET A 242 13.66 5.00 10.15
C MET A 242 14.11 6.23 9.32
N TYR A 243 13.18 7.14 9.05
CA TYR A 243 13.46 8.35 8.29
C TYR A 243 14.50 9.21 9.02
N ASP A 244 14.34 9.31 10.33
CA ASP A 244 15.28 10.06 11.15
C ASP A 244 16.66 9.38 11.13
N TRP A 245 16.71 8.06 11.28
CA TRP A 245 17.96 7.34 11.20
C TRP A 245 18.57 7.58 9.79
N ASN A 246 17.74 7.45 8.77
CA ASN A 246 18.23 7.62 7.39
C ASN A 246 18.83 9.01 7.13
N SER A 247 18.33 10.02 7.84
CA SER A 247 18.80 11.37 7.63
C SER A 247 20.22 11.54 8.12
N ARG A 248 20.80 10.48 8.69
CA ARG A 248 22.17 10.53 9.25
C ARG A 248 23.16 9.67 8.48
N VAL A 249 22.70 8.95 7.48
CA VAL A 249 23.57 8.01 6.78
C VAL A 249 23.42 7.98 5.26
N SER A 250 24.46 7.52 4.56
CA SER A 250 24.39 7.45 3.09
C SER A 250 23.41 6.33 2.68
N ALA A 251 23.08 6.27 1.39
CA ALA A 251 22.13 5.28 0.91
C ALA A 251 22.44 3.83 1.26
N LYS A 252 23.71 3.45 1.32
CA LYS A 252 24.00 2.07 1.64
C LYS A 252 23.82 1.67 3.10
N GLU A 253 23.36 2.60 3.93
CA GLU A 253 23.12 2.32 5.34
C GLU A 253 21.65 2.63 5.72
N LYS A 254 20.89 3.12 4.75
CA LYS A 254 19.49 3.47 5.02
C LYS A 254 18.53 2.27 5.04
N TYR A 255 17.41 2.44 5.72
CA TYR A 255 16.37 1.42 5.77
C TYR A 255 15.17 2.07 5.13
N TYR A 256 14.78 1.64 3.93
CA TYR A 256 13.60 2.19 3.30
C TYR A 256 12.42 1.31 3.73
N VAL A 257 11.26 1.90 3.97
CA VAL A 257 10.09 1.13 4.42
C VAL A 257 8.87 1.44 3.53
N TRP A 258 8.31 0.38 2.93
CA TRP A 258 7.19 0.43 2.02
C TRP A 258 6.07 -0.45 2.61
N LEU A 259 4.83 0.00 2.50
CA LEU A 259 3.70 -0.74 3.07
C LEU A 259 2.59 -0.87 2.04
N GLN A 260 1.82 -1.96 2.14
CA GLN A 260 0.69 -2.23 1.26
C GLN A 260 -0.25 -3.11 2.06
N HIS A 261 -1.54 -2.85 2.00
CA HIS A 261 -2.44 -3.69 2.78
C HIS A 261 -3.85 -3.67 2.25
N THR A 262 -4.63 -4.64 2.71
CA THR A 262 -6.03 -4.79 2.35
C THR A 262 -6.85 -5.01 3.62
N LEU A 263 -6.43 -4.39 4.72
CA LEU A 263 -7.15 -4.49 5.99
C LEU A 263 -8.52 -3.84 5.85
N ARG A 264 -9.52 -4.39 6.53
CA ARG A 264 -10.88 -3.89 6.42
C ARG A 264 -11.37 -3.46 7.78
N LYS A 265 -10.56 -3.66 8.80
CA LYS A 265 -10.95 -3.33 10.15
C LYS A 265 -9.81 -2.80 10.97
N LYS A 266 -10.15 -2.29 12.16
CA LYS A 266 -9.16 -1.79 13.10
C LYS A 266 -8.32 -3.03 13.45
N LEU A 267 -7.00 -2.87 13.49
CA LEU A 267 -6.12 -3.99 13.80
C LEU A 267 -5.15 -3.58 14.90
N ILE A 268 -5.30 -4.24 16.04
CA ILE A 268 -4.45 -4.02 17.22
C ILE A 268 -3.99 -5.41 17.65
N LEU A 269 -2.69 -5.61 17.81
CA LEU A 269 -2.18 -6.92 18.22
C LEU A 269 -2.31 -7.11 19.74
N SER A 270 -3.52 -7.00 20.25
CA SER A 270 -3.74 -7.17 21.69
C SER A 270 -5.13 -7.71 21.90
N TYR A 271 -5.26 -8.52 22.93
CA TYR A 271 -6.53 -9.15 23.26
C TYR A 271 -7.74 -8.21 23.30
N THR A 272 -8.73 -8.51 22.45
CA THR A 272 -9.97 -7.73 22.37
C THR A 272 -10.99 -8.28 23.36
N ASP B 7 5.12 10.59 16.41
CA ASP B 7 3.93 11.36 16.92
C ASP B 7 3.69 12.64 16.12
N LYS B 8 4.38 12.75 14.98
CA LYS B 8 4.26 13.93 14.16
C LYS B 8 3.19 13.79 13.10
N VAL B 9 2.77 14.93 12.58
CA VAL B 9 1.75 15.05 11.56
C VAL B 9 2.35 15.90 10.44
N TYR B 10 2.04 15.60 9.19
CA TYR B 10 2.58 16.41 8.08
C TYR B 10 1.97 17.82 8.18
N GLN B 11 2.80 18.84 8.03
CA GLN B 11 2.26 20.21 8.05
C GLN B 11 1.21 20.30 6.95
N MET B 12 0.04 20.84 7.28
CA MET B 12 -1.03 20.97 6.29
C MET B 12 -1.81 22.24 6.61
N LYS B 13 -1.17 23.39 6.39
CA LYS B 13 -1.76 24.69 6.72
C LYS B 13 -1.77 25.76 5.65
N SER B 14 -0.99 25.58 4.59
CA SER B 14 -0.93 26.58 3.54
C SER B 14 -2.28 26.69 2.82
N LYS B 15 -2.53 27.85 2.22
CA LYS B 15 -3.77 28.11 1.48
C LYS B 15 -3.41 28.68 0.11
N PRO B 16 -3.58 27.89 -0.95
CA PRO B 16 -4.08 26.50 -0.90
C PRO B 16 -3.08 25.51 -0.28
N ARG B 17 -3.55 24.29 0.00
CA ARG B 17 -2.71 23.24 0.55
C ARG B 17 -1.72 22.77 -0.51
N GLY B 18 -2.18 22.82 -1.75
CA GLY B 18 -1.39 22.38 -2.90
C GLY B 18 -2.34 22.18 -4.07
N TYR B 19 -1.82 21.65 -5.17
CA TYR B 19 -2.63 21.38 -6.34
C TYR B 19 -3.20 19.99 -6.23
N CYS B 20 -4.41 19.82 -6.76
CA CYS B 20 -5.08 18.52 -6.81
C CYS B 20 -5.34 18.30 -8.30
N LEU B 21 -4.44 17.60 -8.95
CA LEU B 21 -4.57 17.33 -10.36
C LEU B 21 -5.59 16.21 -10.56
N ILE B 22 -6.52 16.38 -11.50
CA ILE B 22 -7.50 15.34 -11.79
C ILE B 22 -7.48 15.01 -13.27
N ILE B 23 -6.98 13.82 -13.59
CA ILE B 23 -6.93 13.35 -14.97
C ILE B 23 -8.12 12.41 -15.07
N ASN B 24 -9.13 12.86 -15.82
CA ASN B 24 -10.40 12.16 -15.97
C ASN B 24 -10.62 11.64 -17.40
N ASN B 25 -10.48 10.32 -17.59
CA ASN B 25 -10.66 9.73 -18.92
C ASN B 25 -12.00 9.05 -19.13
N HIS B 26 -12.78 9.61 -20.05
CA HIS B 26 -14.10 9.08 -20.36
C HIS B 26 -14.25 8.43 -21.73
N ASN B 27 -13.77 9.16 -22.74
CA ASN B 27 -13.86 8.76 -24.15
C ASN B 27 -12.76 7.83 -24.66
N PHE B 28 -13.10 6.56 -24.81
CA PHE B 28 -12.15 5.55 -25.29
C PHE B 28 -12.36 5.10 -26.74
N ALA B 29 -12.74 6.03 -27.59
CA ALA B 29 -12.97 5.73 -29.00
C ALA B 29 -11.75 5.11 -29.65
N LYS B 30 -10.63 5.83 -29.60
CA LYS B 30 -9.36 5.37 -30.19
C LYS B 30 -8.91 4.01 -29.64
N ALA B 31 -9.23 3.70 -28.40
CA ALA B 31 -8.85 2.41 -27.84
C ALA B 31 -9.58 1.33 -28.66
N ARG B 32 -10.21 1.79 -29.74
CA ARG B 32 -10.95 0.93 -30.66
C ARG B 32 -10.72 1.43 -32.09
N GLU B 33 -10.17 2.65 -32.21
CA GLU B 33 -9.89 3.28 -33.51
C GLU B 33 -8.40 3.30 -33.87
N LYS B 34 -7.52 3.06 -32.89
CA LYS B 34 -6.08 3.07 -33.11
C LYS B 34 -5.32 1.97 -32.35
N VAL B 35 -6.00 1.22 -31.49
CA VAL B 35 -5.35 0.15 -30.73
C VAL B 35 -6.18 -1.14 -30.71
N PRO B 36 -5.99 -1.98 -31.74
CA PRO B 36 -6.61 -3.28 -32.03
C PRO B 36 -7.16 -4.21 -30.93
N LYS B 37 -6.53 -4.25 -29.76
CA LYS B 37 -7.00 -5.19 -28.74
C LYS B 37 -8.08 -4.76 -27.75
N LEU B 38 -8.33 -3.45 -27.64
CA LEU B 38 -9.34 -2.97 -26.70
C LEU B 38 -10.68 -2.63 -27.38
N HIS B 39 -10.93 -3.26 -28.52
CA HIS B 39 -12.13 -3.05 -29.30
C HIS B 39 -13.46 -3.09 -28.53
N SER B 40 -13.51 -3.83 -27.44
CA SER B 40 -14.73 -3.91 -26.65
C SER B 40 -14.65 -3.02 -25.41
N ILE B 41 -13.64 -2.15 -25.36
CA ILE B 41 -13.47 -1.27 -24.21
C ILE B 41 -14.52 -0.17 -24.23
N ARG B 42 -15.39 -0.19 -23.23
CA ARG B 42 -16.50 0.74 -23.08
C ARG B 42 -16.11 2.12 -22.52
N ASP B 43 -16.78 3.15 -23.01
CA ASP B 43 -16.53 4.51 -22.52
C ASP B 43 -16.85 4.52 -21.05
N ARG B 44 -16.07 5.26 -20.28
CA ARG B 44 -16.26 5.30 -18.84
C ARG B 44 -17.37 6.20 -18.34
N ASN B 45 -18.61 5.75 -18.54
CA ASN B 45 -19.78 6.49 -18.12
C ASN B 45 -19.86 6.53 -16.61
N GLY B 46 -19.99 7.74 -16.07
CA GLY B 46 -20.08 7.90 -14.63
C GLY B 46 -18.81 8.50 -14.05
N THR B 47 -17.77 8.59 -14.85
CA THR B 47 -16.50 9.13 -14.39
C THR B 47 -16.61 10.64 -14.18
N HIS B 48 -17.58 11.28 -14.83
CA HIS B 48 -17.71 12.71 -14.63
C HIS B 48 -18.24 13.00 -13.23
N LEU B 49 -19.10 12.12 -12.72
CA LEU B 49 -19.62 12.29 -11.38
C LEU B 49 -18.44 12.18 -10.42
N ASP B 50 -17.51 11.27 -10.75
CA ASP B 50 -16.34 11.04 -9.92
C ASP B 50 -15.47 12.30 -9.92
N ALA B 51 -15.22 12.85 -11.09
CA ALA B 51 -14.41 14.06 -11.20
C ALA B 51 -15.05 15.21 -10.43
N GLY B 52 -16.37 15.32 -10.51
CA GLY B 52 -17.07 16.37 -9.77
C GLY B 52 -17.01 16.13 -8.26
N ALA B 53 -17.12 14.88 -7.82
CA ALA B 53 -17.06 14.60 -6.39
C ALA B 53 -15.66 14.93 -5.87
N LEU B 54 -14.63 14.53 -6.60
CA LEU B 54 -13.25 14.83 -6.19
C LEU B 54 -13.04 16.34 -6.13
N THR B 55 -13.57 17.04 -7.12
CA THR B 55 -13.43 18.47 -7.20
C THR B 55 -14.03 19.14 -5.97
N THR B 56 -15.27 18.81 -5.64
CA THR B 56 -15.86 19.48 -4.49
C THR B 56 -15.26 19.00 -3.16
N THR B 57 -14.87 17.74 -3.07
CA THR B 57 -14.25 17.22 -1.86
C THR B 57 -12.95 17.94 -1.55
N PHE B 58 -12.07 18.09 -2.54
CA PHE B 58 -10.80 18.73 -2.31
C PHE B 58 -10.78 20.25 -2.30
N GLU B 59 -11.75 20.90 -2.96
CA GLU B 59 -11.83 22.35 -2.89
C GLU B 59 -12.25 22.64 -1.46
N GLU B 60 -13.12 21.82 -0.90
CA GLU B 60 -13.52 22.06 0.49
C GLU B 60 -12.34 21.89 1.43
N LEU B 61 -11.40 21.03 1.05
CA LEU B 61 -10.20 20.78 1.86
C LEU B 61 -9.06 21.73 1.49
N HIS B 62 -9.41 22.80 0.78
CA HIS B 62 -8.48 23.88 0.36
C HIS B 62 -7.37 23.59 -0.64
N PHE B 63 -7.62 22.65 -1.54
CA PHE B 63 -6.62 22.37 -2.59
C PHE B 63 -7.07 23.14 -3.83
N GLU B 64 -6.14 23.40 -4.75
CA GLU B 64 -6.49 24.12 -5.97
C GLU B 64 -6.67 23.01 -6.99
N ILE B 65 -7.88 22.85 -7.52
CA ILE B 65 -8.17 21.78 -8.45
C ILE B 65 -7.71 22.14 -9.87
N LYS B 66 -7.10 21.15 -10.52
CA LYS B 66 -6.60 21.31 -11.89
C LYS B 66 -7.09 20.11 -12.68
N PRO B 67 -8.31 20.19 -13.22
CA PRO B 67 -8.89 19.09 -13.98
C PRO B 67 -8.40 19.03 -15.44
N HIS B 68 -8.31 17.82 -15.96
CA HIS B 68 -7.89 17.54 -17.32
C HIS B 68 -8.70 16.34 -17.73
N ASP B 69 -9.47 16.48 -18.79
CA ASP B 69 -10.32 15.39 -19.25
C ASP B 69 -9.80 14.77 -20.55
N ASP B 70 -10.07 13.47 -20.72
CA ASP B 70 -9.66 12.72 -21.90
C ASP B 70 -8.24 13.04 -22.30
N CYS B 71 -7.31 12.33 -21.67
CA CYS B 71 -5.88 12.50 -21.89
C CYS B 71 -5.31 11.21 -22.47
N THR B 72 -4.51 11.35 -23.52
CA THR B 72 -3.88 10.17 -24.09
C THR B 72 -2.69 9.97 -23.17
N VAL B 73 -1.98 8.86 -23.30
CA VAL B 73 -0.83 8.63 -22.45
C VAL B 73 0.21 9.73 -22.62
N GLU B 74 0.38 10.22 -23.85
CA GLU B 74 1.34 11.29 -24.12
C GLU B 74 0.97 12.55 -23.32
N GLN B 75 -0.32 12.81 -23.24
CA GLN B 75 -0.78 14.00 -22.55
C GLN B 75 -0.57 13.87 -21.04
N ILE B 76 -0.87 12.69 -20.50
CA ILE B 76 -0.68 12.43 -19.09
C ILE B 76 0.79 12.71 -18.75
N TYR B 77 1.70 12.19 -19.56
CA TYR B 77 3.10 12.45 -19.29
C TYR B 77 3.45 13.94 -19.33
N GLU B 78 2.92 14.69 -20.30
CA GLU B 78 3.27 16.11 -20.34
C GLU B 78 2.65 16.89 -19.18
N ILE B 79 1.44 16.52 -18.76
CA ILE B 79 0.83 17.19 -17.64
C ILE B 79 1.71 16.93 -16.40
N LEU B 80 1.99 15.66 -16.15
CA LEU B 80 2.79 15.28 -14.98
C LEU B 80 4.15 15.94 -15.01
N LYS B 81 4.72 16.10 -16.20
CA LYS B 81 6.01 16.72 -16.31
C LYS B 81 5.92 18.19 -15.92
N ILE B 82 4.82 18.84 -16.26
CA ILE B 82 4.65 20.24 -15.92
C ILE B 82 4.52 20.39 -14.39
N TYR B 83 3.87 19.43 -13.74
CA TYR B 83 3.75 19.54 -12.28
C TYR B 83 5.07 19.21 -11.60
N GLN B 84 5.83 18.33 -12.21
CA GLN B 84 7.13 17.96 -11.66
C GLN B 84 8.03 19.19 -11.64
N LEU B 85 7.91 20.03 -12.68
CA LEU B 85 8.73 21.25 -12.81
C LEU B 85 8.19 22.49 -12.12
N MET B 86 6.93 22.47 -11.71
CA MET B 86 6.35 23.63 -11.04
C MET B 86 6.97 23.94 -9.70
N ASP B 87 6.68 25.12 -9.19
CA ASP B 87 7.18 25.55 -7.90
C ASP B 87 6.15 25.26 -6.81
N HIS B 88 6.39 24.20 -6.04
CA HIS B 88 5.50 23.83 -4.94
C HIS B 88 6.01 24.38 -3.60
N SER B 89 6.99 25.29 -3.64
CA SER B 89 7.58 25.77 -2.40
C SER B 89 6.66 26.43 -1.38
N ASN B 90 5.50 26.89 -1.82
CA ASN B 90 4.54 27.50 -0.88
C ASN B 90 3.37 26.55 -0.59
N MET B 91 3.52 25.29 -0.99
CA MET B 91 2.49 24.28 -0.79
C MET B 91 2.91 23.25 0.26
N ASP B 92 1.94 22.62 0.90
CA ASP B 92 2.24 21.61 1.90
C ASP B 92 1.98 20.20 1.37
N CYS B 93 1.34 20.09 0.22
CA CYS B 93 0.99 18.78 -0.28
C CYS B 93 0.76 18.81 -1.81
N PHE B 94 0.70 17.64 -2.44
CA PHE B 94 0.40 17.55 -3.88
C PHE B 94 -0.44 16.30 -4.06
N ILE B 95 -1.57 16.43 -4.75
CA ILE B 95 -2.46 15.30 -4.97
C ILE B 95 -2.65 15.14 -6.47
N CYS B 96 -2.67 13.90 -6.93
CA CYS B 96 -2.86 13.61 -8.35
C CYS B 96 -3.84 12.46 -8.44
N CYS B 97 -5.02 12.73 -9.01
CA CYS B 97 -6.03 11.69 -9.18
C CYS B 97 -6.10 11.26 -10.65
N ILE B 98 -6.14 9.94 -10.90
CA ILE B 98 -6.21 9.42 -12.28
C ILE B 98 -7.40 8.46 -12.37
N LEU B 99 -8.33 8.82 -13.25
CA LEU B 99 -9.55 8.05 -13.46
C LEU B 99 -9.44 7.51 -14.90
N SER B 100 -9.36 6.20 -15.06
CA SER B 100 -9.23 5.65 -16.41
C SER B 100 -9.36 4.15 -16.43
N HIS B 101 -9.17 3.56 -17.60
CA HIS B 101 -9.20 2.11 -17.70
C HIS B 101 -7.78 1.69 -17.33
N GLY B 102 -7.61 0.45 -16.91
CA GLY B 102 -6.28 -0.02 -16.58
C GLY B 102 -6.12 -1.53 -16.64
N ASP B 103 -4.91 -1.99 -16.31
CA ASP B 103 -4.62 -3.41 -16.29
C ASP B 103 -3.48 -3.59 -15.27
N LYS B 104 -2.96 -4.81 -15.18
CA LYS B 104 -1.87 -5.14 -14.26
C LYS B 104 -0.80 -4.06 -14.17
N GLY B 105 -0.75 -3.38 -13.03
CA GLY B 105 0.24 -2.34 -12.81
C GLY B 105 0.25 -1.12 -13.70
N ILE B 106 -0.74 -0.93 -14.56
CA ILE B 106 -0.71 0.22 -15.45
C ILE B 106 -2.08 0.88 -15.65
N ILE B 107 -2.07 2.08 -16.21
CA ILE B 107 -3.32 2.77 -16.55
C ILE B 107 -3.31 3.03 -18.06
N TYR B 108 -4.49 3.03 -18.68
CA TYR B 108 -4.57 3.27 -20.12
C TYR B 108 -4.85 4.73 -20.44
N GLY B 109 -4.23 5.22 -21.51
CA GLY B 109 -4.52 6.58 -21.95
C GLY B 109 -5.80 6.37 -22.76
N THR B 110 -6.51 7.43 -23.15
CA THR B 110 -7.72 7.24 -23.94
C THR B 110 -7.36 6.62 -25.29
N ASP B 111 -6.16 6.92 -25.78
CA ASP B 111 -5.66 6.40 -27.04
C ASP B 111 -5.17 4.97 -26.94
N GLY B 112 -5.58 4.25 -25.90
CA GLY B 112 -5.20 2.86 -25.75
C GLY B 112 -3.75 2.54 -25.35
N GLN B 113 -2.89 3.56 -25.32
CA GLN B 113 -1.50 3.37 -24.91
C GLN B 113 -1.43 3.15 -23.39
N GLU B 114 -0.31 2.60 -22.92
CA GLU B 114 -0.11 2.31 -21.50
C GLU B 114 0.90 3.18 -20.77
N ALA B 115 0.64 3.39 -19.47
CA ALA B 115 1.52 4.17 -18.63
C ALA B 115 1.63 3.41 -17.31
N PRO B 116 2.79 2.82 -17.04
CA PRO B 116 2.97 2.08 -15.79
C PRO B 116 2.79 3.07 -14.63
N ILE B 117 2.01 2.68 -13.64
CA ILE B 117 1.77 3.57 -12.52
C ILE B 117 3.11 4.00 -11.91
N TYR B 118 4.05 3.07 -11.76
CA TYR B 118 5.36 3.42 -11.20
C TYR B 118 6.07 4.52 -11.99
N GLU B 119 5.92 4.54 -13.30
CA GLU B 119 6.57 5.60 -14.09
C GLU B 119 5.96 6.96 -13.77
N LEU B 120 4.69 6.96 -13.38
CA LEU B 120 4.04 8.22 -13.07
C LEU B 120 4.45 8.78 -11.68
N THR B 121 4.34 7.95 -10.66
CA THR B 121 4.64 8.36 -9.30
C THR B 121 6.11 8.68 -9.08
N SER B 122 6.99 7.90 -9.69
CA SER B 122 8.41 8.13 -9.49
C SER B 122 8.93 9.43 -10.04
N GLN B 123 8.09 10.19 -10.74
CA GLN B 123 8.53 11.48 -11.24
C GLN B 123 8.59 12.53 -10.11
N PHE B 124 8.06 12.16 -8.94
CA PHE B 124 8.00 13.11 -7.83
C PHE B 124 8.89 12.86 -6.61
N THR B 125 10.01 12.18 -6.83
CA THR B 125 10.95 11.91 -5.76
C THR B 125 11.53 13.25 -5.33
N GLY B 126 12.19 13.28 -4.19
CA GLY B 126 12.75 14.53 -3.71
C GLY B 126 13.76 15.08 -4.70
N LEU B 127 14.55 14.18 -5.28
CA LEU B 127 15.58 14.60 -6.23
C LEU B 127 14.96 15.23 -7.47
N LYS B 128 13.91 14.60 -8.01
CA LYS B 128 13.27 15.13 -9.20
C LYS B 128 12.33 16.32 -9.02
N CYS B 129 11.75 16.47 -7.83
CA CYS B 129 10.83 17.59 -7.57
C CYS B 129 11.17 18.09 -6.17
N PRO B 130 12.27 18.84 -6.04
CA PRO B 130 12.77 19.38 -4.78
C PRO B 130 11.80 20.18 -3.93
N SER B 131 10.91 20.92 -4.56
CA SER B 131 9.97 21.74 -3.79
C SER B 131 8.85 20.94 -3.09
N LEU B 132 8.83 19.63 -3.30
CA LEU B 132 7.86 18.73 -2.62
C LEU B 132 8.65 17.74 -1.74
N ALA B 133 9.97 17.90 -1.70
CA ALA B 133 10.82 17.02 -0.88
C ALA B 133 10.38 17.21 0.57
N GLY B 134 10.14 16.09 1.25
CA GLY B 134 9.68 16.14 2.63
C GLY B 134 8.18 16.36 2.78
N LYS B 135 7.46 16.50 1.66
CA LYS B 135 6.03 16.71 1.71
C LYS B 135 5.28 15.53 1.11
N PRO B 136 4.08 15.27 1.64
CA PRO B 136 3.28 14.15 1.15
C PRO B 136 2.82 14.30 -0.28
N LYS B 137 3.04 13.24 -1.05
CA LYS B 137 2.64 13.20 -2.45
C LYS B 137 1.59 12.08 -2.48
N VAL B 138 0.36 12.46 -2.78
CA VAL B 138 -0.77 11.54 -2.75
C VAL B 138 -1.38 11.29 -4.11
N PHE B 139 -1.52 10.02 -4.48
CA PHE B 139 -2.13 9.58 -5.73
C PHE B 139 -3.35 8.71 -5.44
N PHE B 140 -4.44 8.99 -6.16
CA PHE B 140 -5.66 8.21 -6.06
C PHE B 140 -5.92 7.76 -7.49
N ILE B 141 -5.97 6.44 -7.70
CA ILE B 141 -6.19 5.93 -9.06
C ILE B 141 -7.38 4.98 -9.11
N GLN B 142 -8.36 5.37 -9.93
CA GLN B 142 -9.55 4.54 -10.13
C GLN B 142 -9.32 3.90 -11.49
N ALA B 143 -9.21 2.57 -11.50
CA ALA B 143 -8.97 1.85 -12.75
C ALA B 143 -8.90 0.36 -12.47
N CYS B 144 -8.99 -0.46 -13.51
CA CYS B 144 -8.88 -1.90 -13.31
C CYS B 144 -7.40 -2.21 -13.34
N GLN B 145 -7.03 -3.36 -12.80
CA GLN B 145 -5.62 -3.71 -12.78
C GLN B 145 -5.44 -5.13 -13.33
N GLY B 146 -6.41 -5.54 -14.14
CA GLY B 146 -6.40 -6.87 -14.73
C GLY B 146 -7.82 -7.23 -15.09
N ASP B 147 -8.08 -8.52 -15.36
CA ASP B 147 -9.42 -8.93 -15.73
C ASP B 147 -10.00 -10.01 -14.83
N ASN B 148 -9.27 -10.37 -13.78
CA ASN B 148 -9.73 -11.39 -12.85
C ASN B 148 -10.88 -10.82 -12.01
N TYR B 149 -12.01 -11.52 -12.00
CA TYR B 149 -13.15 -11.07 -11.22
C TYR B 149 -13.56 -12.13 -10.21
N GLN B 150 -14.07 -11.67 -9.08
CA GLN B 150 -14.48 -12.56 -8.00
C GLN B 150 -15.92 -12.29 -7.60
N GLN B 173 3.31 -7.55 -9.47
CA GLN B 173 4.75 -7.45 -9.58
C GLN B 173 5.29 -6.03 -9.28
N THR B 174 4.74 -5.01 -9.92
CA THR B 174 5.18 -3.63 -9.69
C THR B 174 4.94 -3.32 -8.22
N ARG B 175 5.68 -2.36 -7.70
CA ARG B 175 5.46 -1.97 -6.32
C ARG B 175 4.87 -0.56 -6.28
N TYR B 176 4.45 -0.11 -7.48
CA TYR B 176 3.71 1.14 -7.69
C TYR B 176 4.31 2.50 -7.39
N ILE B 177 5.09 2.60 -6.32
CA ILE B 177 5.71 3.87 -5.93
C ILE B 177 7.16 3.64 -5.52
N PRO B 178 7.93 4.72 -5.39
CA PRO B 178 9.34 4.62 -4.98
C PRO B 178 9.37 4.16 -3.51
N ASP B 179 10.53 3.73 -3.02
CA ASP B 179 10.63 3.29 -1.62
C ASP B 179 10.98 4.46 -0.69
N GLU B 180 11.30 5.62 -1.27
CA GLU B 180 11.60 6.75 -0.41
C GLU B 180 10.31 7.23 0.25
N ALA B 181 10.46 7.94 1.36
CA ALA B 181 9.31 8.37 2.13
C ALA B 181 8.40 9.39 1.47
N ASP B 182 7.23 9.55 2.10
CA ASP B 182 6.21 10.52 1.75
C ASP B 182 5.29 10.28 0.56
N PHE B 183 5.17 9.03 0.13
CA PHE B 183 4.26 8.73 -0.94
C PHE B 183 3.05 7.97 -0.40
N LEU B 184 1.88 8.30 -0.94
CA LEU B 184 0.65 7.57 -0.60
C LEU B 184 -0.07 7.31 -1.93
N LEU B 185 -0.36 6.05 -2.23
CA LEU B 185 -1.08 5.72 -3.45
C LEU B 185 -2.31 4.97 -3.01
N GLY B 186 -3.48 5.52 -3.35
CA GLY B 186 -4.73 4.85 -3.03
C GLY B 186 -5.22 4.18 -4.33
N MET B 187 -5.19 2.85 -4.40
CA MET B 187 -5.67 2.13 -5.60
C MET B 187 -7.09 1.60 -5.37
N ALA B 188 -7.93 1.69 -6.40
CA ALA B 188 -9.31 1.20 -6.31
C ALA B 188 -9.38 -0.32 -6.13
N THR B 189 -8.31 -1.01 -6.53
CA THR B 189 -8.27 -2.47 -6.41
C THR B 189 -6.86 -3.07 -6.36
N VAL B 190 -6.73 -4.24 -5.73
CA VAL B 190 -5.44 -4.92 -5.70
C VAL B 190 -5.06 -5.18 -7.17
N ASN B 191 -3.80 -5.52 -7.43
CA ASN B 191 -3.35 -5.76 -8.80
C ASN B 191 -4.00 -7.03 -9.38
N ASN B 192 -4.07 -7.09 -10.71
CA ASN B 192 -4.64 -8.23 -11.45
C ASN B 192 -6.16 -8.30 -11.49
N CYS B 193 -6.84 -7.49 -10.68
CA CYS B 193 -8.31 -7.51 -10.64
C CYS B 193 -8.99 -6.26 -11.18
N VAL B 194 -10.32 -6.31 -11.25
CA VAL B 194 -11.10 -5.18 -11.76
C VAL B 194 -11.69 -4.35 -10.62
N SER B 195 -12.21 -3.18 -10.98
CA SER B 195 -12.90 -2.30 -10.02
C SER B 195 -14.21 -1.94 -10.73
N TYR B 196 -15.26 -1.65 -9.96
CA TYR B 196 -16.57 -1.36 -10.54
C TYR B 196 -16.98 0.10 -10.64
N ARG B 197 -17.74 0.39 -11.69
CA ARG B 197 -18.23 1.73 -12.00
C ARG B 197 -19.70 1.69 -12.31
N ASN B 198 -20.51 2.32 -11.45
CA ASN B 198 -21.96 2.38 -11.68
C ASN B 198 -22.16 3.64 -12.51
N PRO B 199 -22.56 3.47 -13.79
CA PRO B 199 -22.80 4.57 -14.74
C PRO B 199 -23.61 5.76 -14.21
N ALA B 200 -24.56 5.48 -13.32
CA ALA B 200 -25.41 6.53 -12.77
C ALA B 200 -24.94 7.11 -11.43
N GLU B 201 -24.05 6.39 -10.73
CA GLU B 201 -23.58 6.83 -9.41
C GLU B 201 -22.09 7.11 -9.28
N GLY B 202 -21.30 6.69 -10.27
CA GLY B 202 -19.86 6.90 -10.19
C GLY B 202 -19.19 5.58 -9.84
N THR B 203 -17.89 5.59 -9.58
CA THR B 203 -17.22 4.34 -9.23
C THR B 203 -17.36 4.08 -7.73
N TRP B 204 -17.39 2.81 -7.35
CA TRP B 204 -17.51 2.44 -5.95
C TRP B 204 -16.38 3.09 -5.15
N TYR B 205 -15.16 2.95 -5.62
CA TYR B 205 -14.01 3.47 -4.90
C TYR B 205 -14.01 4.99 -4.73
N ILE B 206 -14.08 5.74 -5.83
CA ILE B 206 -14.06 7.18 -5.71
C ILE B 206 -15.23 7.73 -4.92
N GLN B 207 -16.42 7.17 -5.13
CA GLN B 207 -17.56 7.70 -4.40
C GLN B 207 -17.42 7.43 -2.92
N SER B 208 -16.93 6.24 -2.57
CA SER B 208 -16.75 5.93 -1.16
C SER B 208 -15.64 6.82 -0.56
N LEU B 209 -14.55 6.97 -1.29
CA LEU B 209 -13.42 7.79 -0.83
C LEU B 209 -13.87 9.22 -0.52
N CYS B 210 -14.58 9.85 -1.46
CA CYS B 210 -15.04 11.21 -1.26
C CYS B 210 -16.01 11.36 -0.11
N GLN B 211 -16.94 10.41 0.01
CA GLN B 211 -17.92 10.49 1.08
C GLN B 211 -17.20 10.40 2.43
N SER B 212 -16.22 9.50 2.54
CA SER B 212 -15.50 9.35 3.80
C SER B 212 -14.61 10.56 4.12
N LEU B 213 -13.94 11.10 3.12
CA LEU B 213 -13.10 12.27 3.36
C LEU B 213 -14.00 13.42 3.83
N ARG B 214 -15.12 13.60 3.14
CA ARG B 214 -16.03 14.70 3.50
C ARG B 214 -16.59 14.55 4.92
N GLU B 215 -16.96 13.34 5.29
CA GLU B 215 -17.53 13.11 6.61
C GLU B 215 -16.49 12.96 7.73
N ARG B 216 -15.35 12.34 7.42
CA ARG B 216 -14.33 12.08 8.42
C ARG B 216 -13.19 13.09 8.63
N CYS B 217 -12.77 13.79 7.59
CA CYS B 217 -11.71 14.78 7.76
C CYS B 217 -12.11 15.85 8.81
N PRO B 218 -13.35 16.34 8.77
CA PRO B 218 -13.79 17.36 9.73
C PRO B 218 -13.73 16.83 11.18
N ARG B 219 -13.72 15.51 11.32
CA ARG B 219 -13.65 14.88 12.64
C ARG B 219 -12.21 14.59 13.05
N GLY B 220 -11.24 15.02 12.23
CA GLY B 220 -9.84 14.80 12.56
C GLY B 220 -9.24 13.42 12.23
N ASP B 221 -9.97 12.59 11.50
CA ASP B 221 -9.45 11.27 11.17
C ASP B 221 -8.31 11.41 10.15
N ASP B 222 -7.25 10.62 10.32
CA ASP B 222 -6.11 10.66 9.39
C ASP B 222 -6.49 9.91 8.10
N ILE B 223 -5.84 10.25 7.00
CA ILE B 223 -6.15 9.67 5.70
C ILE B 223 -5.97 8.16 5.59
N LEU B 224 -4.99 7.60 6.29
CA LEU B 224 -4.80 6.16 6.21
C LEU B 224 -5.95 5.47 6.91
N THR B 225 -6.36 5.99 8.06
CA THR B 225 -7.47 5.36 8.77
C THR B 225 -8.72 5.41 7.87
N ILE B 226 -8.90 6.53 7.18
CA ILE B 226 -10.02 6.71 6.28
C ILE B 226 -9.96 5.66 5.15
N LEU B 227 -8.78 5.42 4.61
CA LEU B 227 -8.63 4.43 3.53
C LEU B 227 -8.95 3.00 4.00
N THR B 228 -8.76 2.71 5.28
CA THR B 228 -9.08 1.36 5.74
C THR B 228 -10.61 1.27 5.73
N GLU B 229 -11.26 2.36 6.16
CA GLU B 229 -12.72 2.42 6.18
C GLU B 229 -13.24 2.25 4.74
N VAL B 230 -12.55 2.85 3.77
CA VAL B 230 -12.95 2.73 2.39
C VAL B 230 -12.77 1.27 1.93
N ASN B 231 -11.67 0.63 2.32
CA ASN B 231 -11.43 -0.77 1.99
C ASN B 231 -12.67 -1.60 2.41
N TYR B 232 -13.14 -1.34 3.63
CA TYR B 232 -14.29 -2.01 4.24
C TYR B 232 -15.61 -1.73 3.50
N GLU B 233 -15.91 -0.46 3.29
CA GLU B 233 -17.14 -0.08 2.61
C GLU B 233 -17.19 -0.63 1.20
N VAL B 234 -16.13 -0.44 0.44
CA VAL B 234 -16.11 -0.94 -0.92
C VAL B 234 -16.19 -2.46 -0.96
N SER B 235 -15.46 -3.14 -0.09
CA SER B 235 -15.48 -4.60 -0.09
C SER B 235 -16.87 -5.17 0.26
N ASN B 236 -17.75 -4.35 0.85
CA ASN B 236 -19.09 -4.78 1.20
C ASN B 236 -20.08 -4.40 0.08
N LYS B 237 -19.56 -3.76 -0.96
CA LYS B 237 -20.33 -3.29 -2.12
C LYS B 237 -20.87 -1.88 -1.93
N GLY B 244 -19.81 -9.77 -8.06
CA GLY B 244 -18.49 -9.99 -7.47
C GLY B 244 -18.13 -9.01 -6.36
N LYS B 245 -16.93 -9.20 -5.77
CA LYS B 245 -16.44 -8.34 -4.70
C LYS B 245 -15.24 -7.54 -5.19
N GLN B 246 -15.00 -6.38 -4.58
CA GLN B 246 -13.87 -5.54 -4.96
C GLN B 246 -13.04 -5.25 -3.72
N MET B 247 -11.72 -5.28 -3.85
CA MET B 247 -10.84 -5.06 -2.71
C MET B 247 -9.84 -3.93 -2.97
N PRO B 248 -10.10 -2.70 -2.46
CA PRO B 248 -9.16 -1.59 -2.68
C PRO B 248 -7.83 -1.86 -1.95
N GLN B 249 -6.79 -1.09 -2.25
CA GLN B 249 -5.49 -1.33 -1.62
C GLN B 249 -4.55 -0.13 -1.59
N PRO B 250 -4.26 0.40 -0.39
CA PRO B 250 -3.34 1.53 -0.26
C PRO B 250 -1.91 0.98 -0.28
N THR B 251 -1.01 1.69 -0.93
CA THR B 251 0.42 1.33 -0.97
C THR B 251 1.07 2.66 -0.57
N PHE B 252 2.02 2.64 0.37
CA PHE B 252 2.57 3.92 0.83
C PHE B 252 3.88 3.85 1.62
N THR B 253 4.54 5.00 1.70
CA THR B 253 5.80 5.10 2.42
C THR B 253 5.70 6.33 3.36
N LEU B 254 4.48 6.73 3.69
CA LEU B 254 4.26 7.88 4.58
C LEU B 254 5.02 7.65 5.92
N ARG B 255 5.53 8.72 6.53
CA ARG B 255 6.26 8.57 7.80
C ARG B 255 5.82 9.52 8.91
N LYS B 256 4.65 10.13 8.68
CA LYS B 256 3.96 10.98 9.65
C LYS B 256 2.49 10.74 9.39
N LYS B 257 1.67 11.15 10.35
CA LYS B 257 0.23 11.05 10.24
C LYS B 257 -0.21 12.08 9.19
N LEU B 258 -1.09 11.69 8.28
CA LEU B 258 -1.57 12.61 7.25
C LEU B 258 -3.00 13.02 7.51
N VAL B 259 -3.23 14.30 7.69
CA VAL B 259 -4.59 14.78 7.88
C VAL B 259 -4.80 15.97 6.97
N PHE B 260 -6.05 16.18 6.55
CA PHE B 260 -6.43 17.33 5.72
C PHE B 260 -7.40 18.12 6.61
N PRO B 261 -6.89 19.08 7.41
CA PRO B 261 -7.74 19.87 8.29
C PRO B 261 -8.84 20.52 7.47
N SER B 262 -10.07 20.31 7.92
CA SER B 262 -11.25 20.82 7.23
C SER B 262 -11.90 22.02 7.89
N ASP B 263 -11.88 23.13 7.15
CA ASP B 263 -12.44 24.44 7.54
C ASP B 263 -13.67 24.36 8.46
N ALA C 1 -26.08 -0.12 -16.04
CA ALA C 1 -25.55 -1.46 -15.65
C ALA C 1 -24.18 -1.36 -15.00
N ILE C 2 -24.01 -2.04 -13.87
CA ILE C 2 -22.74 -2.05 -13.15
C ILE C 2 -21.62 -2.51 -14.08
N GLU C 3 -20.74 -1.58 -14.46
CA GLU C 3 -19.62 -1.87 -15.36
C GLU C 3 -18.27 -2.00 -14.64
N THR C 4 -17.37 -2.78 -15.18
CA THR C 4 -16.03 -2.92 -14.61
C THR C 4 -15.17 -1.92 -15.38
N ASA C 5 -14.08 -1.47 -14.78
CA ASA C 5 -13.20 -0.51 -15.47
C ASA C 5 -12.05 -1.18 -16.21
O ASA C 5 -10.88 -0.90 -15.95
CB ASA C 5 -12.64 0.53 -14.48
CG ASA C 5 -13.43 1.83 -14.50
OD1 ASA C 5 -13.75 2.31 -15.62
OD2 ASA C 5 -13.72 2.37 -13.41
#